data_8K2W
#
_entry.id   8K2W
#
_cell.length_a   1.00
_cell.length_b   1.00
_cell.length_c   1.00
_cell.angle_alpha   90.00
_cell.angle_beta   90.00
_cell.angle_gamma   90.00
#
_symmetry.space_group_name_H-M   'P 1'
#
loop_
_entity.id
_entity.type
_entity.pdbx_description
1 polymer Nb6
2 polymer 'Soluble cytochrome b562,C-X-C chemokine receptor type 3,Kappa-type opioid receptor'
3 non-polymer CHOLESTEROL
4 non-polymer 1,2-DIOLEOYL-SN-GLYCERO-3-PHOSPHOCHOLINE
5 non-polymer [1-MYRISTOYL-GLYCEROL-3-YL]PHOSPHONYLCHOLINE
6 non-polymer N-[(1R)-1-[3-(4-ethoxyphenyl)-4-oxidanylidene-pyrido[2,3-d]pyrimidin-2-yl]ethyl]-N-(pyridin-3-ylmethyl)-2-[4-(trifluoromethyloxy)phenyl]ethanamide
#
loop_
_entity_poly.entity_id
_entity_poly.type
_entity_poly.pdbx_seq_one_letter_code
_entity_poly.pdbx_strand_id
1 'polypeptide(L)'
;MLLVNQSHQGFNKEHTSKMVSAIVLYVLLAAAAHSAFAMAQVQLQESGGGLVQAGESLRLSCAASGTIFRLYDMGWYRRV
SGNQRELVASITSGGSTKYGDSVKGRFTISRDNAKNTVYLQMSSLKPEDTAVYYCNAEYRTGIWEELLDGWGQGTQVTVS
SHHHHHHHH
;
N
2 'polypeptide(L)'
;MKTIIALSYIFCLVFADYKDDDDKGSADLEDNWETLNDNLKVIEKADNAAQVKDALTKMRAAALDAQKATPPKLEDKSPD
SPEMKDFRHGFDILVGQIDDALKLANEGKVKEAQAAAEQLKTTRNAYIQKYLLVPRGSMVLEVSDHQVLNDAEVAALLEN
FSSSYDYGENESDSCCTSPPCPQDFSLNFDRAFLPALYSLLFLLGLLGNGAVAAVLLSRRTALSSTDTFLLHLAVADTLL
VLTLPLWAVDAAVQWVFGSGLCKVAGALFNINFYAGALLLACISFDRYLNIVHATQLYRRGPPARVTLTCLAVWGLCLLF
ALPDFIFLSAHHDERLNATHCQYNFPQVGRTALRVLQLVAGFLLPLLVMAYCYAHILARLKSVRLLSGSREKDRNLRRIT
RLVVVVVVAFALCWTPYHLVVLVDILMDLGALARNCGRESRVDVAKSVTSGLGYMHCCLNPLLYAFVGVKFRERMWMLLL
RLGCPNQRGLQRQPSSSRRDSSWSETS
;
R
#
# COMPACT_ATOMS: atom_id res chain seq x y z
N GLN A 41 -19.18 11.85 16.73
CA GLN A 41 -18.07 12.54 17.38
C GLN A 41 -17.91 12.06 18.82
N VAL A 42 -17.06 12.77 19.58
CA VAL A 42 -16.82 12.44 20.98
C VAL A 42 -17.27 13.61 21.84
N GLN A 43 -17.50 13.31 23.11
CA GLN A 43 -18.00 14.29 24.08
C GLN A 43 -16.90 14.68 25.05
N LEU A 44 -17.15 15.78 25.77
CA LEU A 44 -16.21 16.30 26.75
C LEU A 44 -17.03 16.91 27.89
N GLN A 45 -17.22 16.13 28.96
CA GLN A 45 -18.05 16.55 30.08
C GLN A 45 -17.16 17.00 31.25
N GLU A 46 -17.44 18.20 31.77
CA GLU A 46 -16.68 18.78 32.86
C GLU A 46 -17.34 18.46 34.19
N SER A 47 -16.75 18.98 35.27
CA SER A 47 -17.27 18.84 36.62
C SER A 47 -17.43 20.22 37.24
N GLY A 48 -17.79 20.22 38.53
CA GLY A 48 -17.98 21.46 39.26
C GLY A 48 -16.68 22.22 39.49
N LEU A 58 -13.79 22.40 44.99
CA LEU A 58 -13.39 23.40 44.00
C LEU A 58 -12.28 22.87 43.11
N ARG A 59 -12.50 21.69 42.54
CA ARG A 59 -11.55 21.04 41.65
C ARG A 59 -12.21 20.80 40.29
N LEU A 60 -11.49 21.13 39.23
CA LEU A 60 -11.98 20.96 37.86
C LEU A 60 -11.43 19.66 37.28
N SER A 61 -12.32 18.79 36.85
CA SER A 61 -11.96 17.53 36.21
C SER A 61 -12.67 17.43 34.88
N CYS A 62 -11.91 17.26 33.80
CA CYS A 62 -12.45 17.19 32.45
C CYS A 62 -12.16 15.81 31.87
N ALA A 63 -13.20 15.14 31.38
CA ALA A 63 -13.09 13.79 30.87
C ALA A 63 -13.59 13.73 29.43
N ALA A 64 -13.09 12.74 28.70
CA ALA A 64 -13.46 12.52 27.31
C ALA A 64 -13.86 11.06 27.12
N SER A 65 -14.85 10.83 26.26
CA SER A 65 -15.33 9.48 25.98
C SER A 65 -15.77 9.41 24.52
N GLY A 66 -15.74 8.20 23.98
CA GLY A 66 -16.13 7.98 22.60
C GLY A 66 -15.13 7.13 21.83
N THR A 67 -15.11 7.29 20.51
CA THR A 67 -14.19 6.56 19.65
C THR A 67 -12.97 7.44 19.40
N ILE A 68 -11.97 7.33 20.28
CA ILE A 68 -10.74 8.10 20.18
C ILE A 68 -9.58 7.15 20.00
N PHE A 69 -8.77 7.39 18.96
CA PHE A 69 -7.55 6.60 18.78
C PHE A 69 -6.46 7.06 19.74
N ARG A 70 -6.36 8.37 19.98
CA ARG A 70 -5.35 8.92 20.86
C ARG A 70 -5.73 10.34 21.25
N LEU A 71 -5.37 10.72 22.47
CA LEU A 71 -5.49 12.09 22.95
C LEU A 71 -4.10 12.71 23.03
N TYR A 72 -3.98 13.96 22.58
CA TYR A 72 -2.69 14.62 22.45
C TYR A 72 -2.53 15.79 23.41
N ASP A 73 -3.44 16.75 23.39
CA ASP A 73 -3.33 17.94 24.24
C ASP A 73 -4.61 18.13 25.03
N MET A 74 -4.46 18.80 26.18
CA MET A 74 -5.58 19.15 27.03
C MET A 74 -5.26 20.45 27.73
N GLY A 75 -6.29 21.10 28.27
CA GLY A 75 -6.08 22.34 28.98
C GLY A 75 -7.38 23.00 29.36
N TRP A 76 -7.25 24.19 29.95
CA TRP A 76 -8.37 24.99 30.40
C TRP A 76 -8.22 26.41 29.87
N TYR A 77 -9.35 27.03 29.52
CA TYR A 77 -9.36 28.36 28.96
C TYR A 77 -10.38 29.22 29.70
N ARG A 78 -10.18 30.53 29.64
CA ARG A 78 -11.09 31.46 30.30
C ARG A 78 -11.84 32.32 29.28
N VAL A 88 -4.50 29.18 29.42
CA VAL A 88 -3.91 29.61 30.69
C VAL A 88 -3.15 28.45 31.31
N ALA A 89 -3.52 27.23 30.95
CA ALA A 89 -2.85 26.03 31.45
C ALA A 89 -3.08 24.91 30.45
N SER A 90 -2.00 24.29 30.00
CA SER A 90 -2.08 23.24 29.00
C SER A 90 -1.02 22.19 29.28
N ILE A 91 -1.41 20.93 29.30
CA ILE A 91 -0.50 19.81 29.54
C ILE A 91 -0.56 18.88 28.34
N THR A 92 0.60 18.53 27.81
CA THR A 92 0.69 17.68 26.62
C THR A 92 0.56 16.22 27.02
N SER A 93 0.76 15.32 26.04
CA SER A 93 0.65 13.90 26.32
C SER A 93 1.86 13.37 27.08
N GLY A 94 3.02 13.99 26.88
CA GLY A 94 4.22 13.56 27.57
C GLY A 94 4.34 14.00 29.01
N GLY A 95 3.48 14.90 29.46
CA GLY A 95 3.48 15.39 30.82
C GLY A 95 3.98 16.80 31.00
N SER A 96 4.49 17.44 29.94
CA SER A 96 4.98 18.81 30.07
C SER A 96 3.82 19.76 30.31
N THR A 97 4.02 20.70 31.23
CA THR A 97 2.99 21.65 31.62
C THR A 97 3.40 23.05 31.23
N LYS A 98 2.42 23.84 30.78
CA LYS A 98 2.65 25.22 30.37
C LYS A 98 1.62 26.13 31.03
N TYR A 99 2.07 27.34 31.37
CA TYR A 99 1.23 28.33 32.01
C TYR A 99 1.47 29.68 31.35
N GLY A 100 0.71 30.68 31.77
CA GLY A 100 0.94 32.03 31.30
C GLY A 100 2.18 32.64 31.89
N ASP A 101 2.68 33.68 31.21
CA ASP A 101 3.87 34.38 31.69
C ASP A 101 3.62 35.13 32.99
N SER A 102 2.35 35.41 33.31
CA SER A 102 2.00 36.14 34.53
C SER A 102 1.68 35.23 35.70
N VAL A 103 1.81 33.91 35.53
CA VAL A 103 1.51 32.94 36.59
C VAL A 103 2.84 32.43 37.13
N LYS A 104 3.13 32.76 38.39
CA LYS A 104 4.35 32.30 39.05
C LYS A 104 4.07 31.07 39.91
N GLY A 105 3.56 30.03 39.25
CA GLY A 105 3.29 28.78 39.95
C GLY A 105 2.10 28.80 40.86
N ARG A 106 1.16 29.73 40.65
CA ARG A 106 -0.02 29.78 41.50
C ARG A 106 -0.93 28.57 41.27
N PHE A 107 -1.07 28.13 40.03
CA PHE A 107 -1.91 27.00 39.68
C PHE A 107 -1.06 25.76 39.41
N THR A 108 -1.75 24.64 39.19
CA THR A 108 -1.10 23.37 38.91
C THR A 108 -2.04 22.51 38.07
N ILE A 109 -1.49 21.82 37.08
CA ILE A 109 -2.27 20.99 36.18
C ILE A 109 -1.65 19.58 36.16
N SER A 110 -2.50 18.57 36.25
CA SER A 110 -2.07 17.18 36.22
C SER A 110 -2.95 16.39 35.28
N ARG A 111 -2.37 15.36 34.66
CA ARG A 111 -3.06 14.55 33.67
C ARG A 111 -3.00 13.08 34.07
N ASP A 112 -4.10 12.37 33.85
CA ASP A 112 -4.21 10.94 34.11
C ASP A 112 -4.55 10.27 32.78
N ASN A 113 -3.52 9.85 32.04
CA ASN A 113 -3.71 9.33 30.69
C ASN A 113 -4.47 8.01 30.66
N ALA A 114 -4.42 7.23 31.74
CA ALA A 114 -5.12 5.95 31.75
C ALA A 114 -6.63 6.13 31.65
N LYS A 115 -7.18 7.08 32.40
CA LYS A 115 -8.61 7.35 32.39
C LYS A 115 -8.99 8.52 31.48
N ASN A 116 -8.02 9.10 30.77
CA ASN A 116 -8.28 10.20 29.83
C ASN A 116 -8.95 11.38 30.53
N THR A 117 -8.32 11.85 31.60
CA THR A 117 -8.85 12.95 32.40
C THR A 117 -7.75 13.96 32.67
N VAL A 118 -8.09 15.25 32.58
CA VAL A 118 -7.19 16.34 32.91
C VAL A 118 -7.77 17.10 34.10
N TYR A 119 -6.90 17.48 35.04
CA TYR A 119 -7.30 18.18 36.24
C TYR A 119 -6.62 19.54 36.31
N LEU A 120 -7.25 20.46 37.03
CA LEU A 120 -6.68 21.78 37.29
C LEU A 120 -6.85 22.09 38.76
N GLN A 121 -5.74 22.34 39.44
CA GLN A 121 -5.74 22.65 40.87
C GLN A 121 -5.54 24.15 41.04
N MET A 122 -6.47 24.80 41.75
CA MET A 122 -6.44 26.24 41.97
C MET A 122 -6.39 26.51 43.47
N SER A 123 -5.44 27.34 43.88
CA SER A 123 -5.28 27.72 45.28
C SER A 123 -5.08 29.22 45.37
N SER A 124 -5.43 29.78 46.53
CA SER A 124 -5.36 31.22 46.79
C SER A 124 -6.17 31.98 45.75
N LEU A 125 -7.47 31.68 45.72
CA LEU A 125 -8.35 32.27 44.72
C LEU A 125 -8.56 33.76 44.97
N LYS A 126 -8.82 34.49 43.89
CA LYS A 126 -9.03 35.93 43.93
C LYS A 126 -10.32 36.28 43.20
N PRO A 127 -10.95 37.40 43.54
CA PRO A 127 -12.18 37.80 42.84
C PRO A 127 -12.00 37.99 41.35
N GLU A 128 -10.78 38.34 40.90
CA GLU A 128 -10.52 38.53 39.49
C GLU A 128 -10.60 37.24 38.68
N ASP A 129 -10.65 36.08 39.34
CA ASP A 129 -10.72 34.80 38.66
C ASP A 129 -12.14 34.33 38.42
N THR A 130 -13.15 35.13 38.77
CA THR A 130 -14.55 34.76 38.58
C THR A 130 -14.89 34.89 37.10
N ALA A 131 -14.99 33.76 36.41
CA ALA A 131 -15.28 33.75 34.99
C ALA A 131 -15.86 32.38 34.63
N VAL A 132 -15.94 32.10 33.33
CA VAL A 132 -16.39 30.82 32.80
C VAL A 132 -15.21 30.12 32.16
N TYR A 133 -15.00 28.86 32.52
CA TYR A 133 -13.84 28.09 32.07
C TYR A 133 -14.29 26.91 31.22
N TYR A 134 -13.65 26.75 30.06
CA TYR A 134 -13.97 25.68 29.13
C TYR A 134 -12.77 24.75 28.97
N CYS A 135 -13.04 23.45 28.92
CA CYS A 135 -12.00 22.46 28.70
C CYS A 135 -11.86 22.17 27.22
N ASN A 136 -10.63 21.96 26.77
CA ASN A 136 -10.33 21.67 25.37
C ASN A 136 -9.45 20.44 25.28
N ALA A 137 -9.61 19.69 24.19
CA ALA A 137 -8.83 18.48 23.96
C ALA A 137 -8.60 18.31 22.47
N GLU A 138 -7.44 17.75 22.14
CA GLU A 138 -7.09 17.37 20.78
C GLU A 138 -7.10 15.85 20.67
N TYR A 139 -7.65 15.33 19.57
CA TYR A 139 -7.75 13.88 19.43
C TYR A 139 -7.80 13.51 17.95
N ARG A 140 -7.51 12.25 17.68
CA ARG A 140 -7.62 11.66 16.35
C ARG A 140 -8.54 10.46 16.45
N THR A 141 -9.52 10.38 15.56
CA THR A 141 -10.48 9.28 15.59
C THR A 141 -9.97 8.03 14.90
N GLY A 142 -8.87 8.13 14.16
CA GLY A 142 -8.28 6.97 13.50
C GLY A 142 -6.84 7.26 13.14
N ILE A 143 -6.13 6.19 12.78
CA ILE A 143 -4.71 6.32 12.47
C ILE A 143 -4.50 7.06 11.16
N TRP A 144 -5.45 6.99 10.24
CA TRP A 144 -5.34 7.65 8.94
C TRP A 144 -6.10 8.97 8.88
N GLU A 145 -6.64 9.43 10.01
CA GLU A 145 -7.52 10.58 10.02
C GLU A 145 -6.76 11.86 10.36
N GLU A 146 -7.50 12.96 10.40
CA GLU A 146 -6.93 14.28 10.66
C GLU A 146 -7.10 14.66 12.14
N LEU A 147 -6.10 15.36 12.67
CA LEU A 147 -6.15 15.82 14.05
C LEU A 147 -7.13 16.97 14.16
N LEU A 148 -8.05 16.88 15.13
CA LEU A 148 -9.07 17.89 15.32
C LEU A 148 -9.40 17.99 16.80
N ASP A 149 -9.90 19.16 17.21
CA ASP A 149 -10.12 19.46 18.61
C ASP A 149 -11.59 19.75 18.87
N GLY A 150 -12.01 19.49 20.10
CA GLY A 150 -13.37 19.76 20.51
C GLY A 150 -13.42 20.50 21.83
N TRP A 151 -14.48 21.27 22.02
CA TRP A 151 -14.69 22.06 23.22
C TRP A 151 -15.70 21.37 24.14
N GLY A 152 -15.80 21.90 25.36
CA GLY A 152 -16.75 21.44 26.34
C GLY A 152 -17.87 22.46 26.55
N GLN A 153 -18.86 22.03 27.32
CA GLN A 153 -19.99 22.91 27.62
C GLN A 153 -19.54 24.11 28.44
N GLY A 154 -18.68 23.91 29.41
CA GLY A 154 -18.18 24.96 30.27
C GLY A 154 -18.65 24.78 31.71
N THR A 155 -18.03 25.56 32.59
CA THR A 155 -18.37 25.56 34.01
C THR A 155 -18.45 26.99 34.51
N GLN A 156 -19.29 27.19 35.53
CA GLN A 156 -19.48 28.48 36.16
C GLN A 156 -18.98 28.41 37.59
N VAL A 157 -18.12 29.36 37.96
CA VAL A 157 -17.58 29.44 39.32
C VAL A 157 -18.28 30.58 40.03
N THR A 158 -19.01 30.24 41.09
CA THR A 158 -19.74 31.23 41.89
C THR A 158 -19.11 31.28 43.28
N VAL A 159 -18.71 32.48 43.69
CA VAL A 159 -18.07 32.66 44.99
C VAL A 159 -18.98 33.44 45.93
N ALA B 192 -16.23 -24.75 -23.26
CA ALA B 192 -15.77 -23.48 -23.79
C ALA B 192 -15.92 -22.36 -22.75
N PHE B 193 -15.82 -22.74 -21.48
CA PHE B 193 -15.88 -21.75 -20.41
C PHE B 193 -14.63 -20.87 -20.39
N LEU B 194 -13.46 -21.48 -20.57
CA LEU B 194 -12.21 -20.73 -20.49
C LEU B 194 -12.08 -19.63 -21.54
N PRO B 195 -12.39 -19.86 -22.83
CA PRO B 195 -12.33 -18.74 -23.78
C PRO B 195 -13.26 -17.58 -23.41
N ALA B 196 -14.46 -17.89 -22.93
CA ALA B 196 -15.39 -16.84 -22.52
C ALA B 196 -14.85 -16.04 -21.34
N LEU B 197 -14.32 -16.74 -20.34
CA LEU B 197 -13.72 -16.05 -19.19
C LEU B 197 -12.55 -15.19 -19.61
N TYR B 198 -11.68 -15.73 -20.48
CA TYR B 198 -10.52 -14.96 -20.91
C TYR B 198 -10.94 -13.70 -21.66
N SER B 199 -11.95 -13.81 -22.52
CA SER B 199 -12.44 -12.66 -23.26
C SER B 199 -13.06 -11.62 -22.32
N LEU B 200 -13.82 -12.08 -21.32
CA LEU B 200 -14.42 -11.15 -20.37
C LEU B 200 -13.36 -10.39 -19.59
N LEU B 201 -12.36 -11.11 -19.07
CA LEU B 201 -11.26 -10.46 -18.36
C LEU B 201 -10.49 -9.52 -19.27
N PHE B 202 -10.27 -9.91 -20.53
CA PHE B 202 -9.57 -9.05 -21.48
C PHE B 202 -10.32 -7.73 -21.64
N LEU B 203 -11.63 -7.79 -21.87
CA LEU B 203 -12.41 -6.58 -22.06
C LEU B 203 -12.38 -5.70 -20.81
N LEU B 204 -12.64 -6.30 -19.64
CA LEU B 204 -12.70 -5.52 -18.41
C LEU B 204 -11.36 -4.85 -18.11
N GLY B 205 -10.27 -5.63 -18.17
CA GLY B 205 -8.96 -5.07 -17.89
C GLY B 205 -8.54 -4.01 -18.89
N LEU B 206 -8.84 -4.24 -20.18
CA LEU B 206 -8.50 -3.25 -21.19
C LEU B 206 -9.21 -1.93 -20.93
N LEU B 207 -10.52 -1.99 -20.67
CA LEU B 207 -11.27 -0.76 -20.40
C LEU B 207 -10.72 -0.05 -19.16
N GLY B 208 -10.55 -0.78 -18.06
CA GLY B 208 -10.11 -0.14 -16.83
C GLY B 208 -8.73 0.49 -16.95
N ASN B 209 -7.76 -0.27 -17.44
CA ASN B 209 -6.39 0.24 -17.52
C ASN B 209 -6.27 1.33 -18.58
N GLY B 210 -7.01 1.23 -19.69
CA GLY B 210 -7.01 2.31 -20.65
C GLY B 210 -7.56 3.60 -20.07
N ALA B 211 -8.66 3.51 -19.31
CA ALA B 211 -9.21 4.70 -18.68
C ALA B 211 -8.22 5.32 -17.69
N VAL B 212 -7.60 4.48 -16.85
CA VAL B 212 -6.64 4.98 -15.87
C VAL B 212 -5.47 5.66 -16.56
N ALA B 213 -4.90 5.01 -17.58
CA ALA B 213 -3.77 5.59 -18.29
C ALA B 213 -4.15 6.89 -18.99
N ALA B 214 -5.34 6.93 -19.61
CA ALA B 214 -5.76 8.13 -20.31
C ALA B 214 -5.93 9.30 -19.35
N VAL B 215 -6.60 9.07 -18.22
CA VAL B 215 -6.81 10.18 -17.28
C VAL B 215 -5.48 10.60 -16.64
N LEU B 216 -4.55 9.67 -16.43
CA LEU B 216 -3.26 10.05 -15.86
C LEU B 216 -2.43 10.86 -16.85
N LEU B 217 -2.34 10.40 -18.10
CA LEU B 217 -1.61 11.15 -19.11
C LEU B 217 -2.30 12.43 -19.54
N SER B 218 -3.58 12.62 -19.19
CA SER B 218 -4.25 13.87 -19.53
C SER B 218 -3.54 15.06 -18.88
N ARG B 219 -3.18 14.94 -17.61
CA ARG B 219 -2.47 16.01 -16.89
C ARG B 219 -0.97 15.72 -16.85
N ARG B 220 -0.36 15.69 -18.02
CA ARG B 220 1.07 15.37 -18.11
C ARG B 220 1.91 16.53 -17.59
N THR B 221 3.19 16.22 -17.33
CA THR B 221 4.19 17.18 -16.85
C THR B 221 3.80 17.80 -15.51
N ALA B 222 2.85 17.20 -14.79
CA ALA B 222 2.47 17.68 -13.47
C ALA B 222 2.23 16.54 -12.49
N LEU B 223 2.66 15.32 -12.82
CA LEU B 223 2.43 14.18 -11.95
C LEU B 223 3.36 14.21 -10.75
N SER B 224 2.98 13.46 -9.72
CA SER B 224 3.82 13.24 -8.56
C SER B 224 4.56 11.90 -8.71
N SER B 225 5.39 11.56 -7.72
CA SER B 225 6.14 10.31 -7.78
C SER B 225 5.20 9.11 -7.73
N THR B 226 4.23 9.14 -6.81
CA THR B 226 3.29 8.02 -6.71
C THR B 226 2.46 7.90 -7.98
N ASP B 227 2.10 9.03 -8.59
CA ASP B 227 1.34 8.98 -9.83
C ASP B 227 2.15 8.30 -10.94
N THR B 228 3.44 8.63 -11.05
CA THR B 228 4.27 7.97 -12.05
C THR B 228 4.42 6.48 -11.78
N PHE B 229 4.61 6.11 -10.52
CA PHE B 229 4.73 4.69 -10.20
C PHE B 229 3.44 3.94 -10.53
N LEU B 230 2.29 4.51 -10.19
CA LEU B 230 1.02 3.87 -10.51
C LEU B 230 0.77 3.82 -12.02
N LEU B 231 1.23 4.84 -12.75
CA LEU B 231 1.13 4.80 -14.20
C LEU B 231 1.96 3.65 -14.78
N HIS B 232 3.15 3.44 -14.24
CA HIS B 232 3.98 2.33 -14.74
C HIS B 232 3.37 0.98 -14.39
N LEU B 233 2.77 0.87 -13.20
CA LEU B 233 2.02 -0.36 -12.87
C LEU B 233 0.88 -0.59 -13.85
N ALA B 234 0.14 0.48 -14.20
CA ALA B 234 -0.95 0.35 -15.15
C ALA B 234 -0.44 -0.06 -16.52
N VAL B 235 0.71 0.48 -16.94
CA VAL B 235 1.29 0.11 -18.23
C VAL B 235 1.65 -1.37 -18.23
N ALA B 236 2.27 -1.85 -17.15
CA ALA B 236 2.62 -3.27 -17.07
C ALA B 236 1.37 -4.14 -17.10
N ASP B 237 0.33 -3.73 -16.37
CA ASP B 237 -0.89 -4.53 -16.31
C ASP B 237 -1.59 -4.60 -17.67
N THR B 238 -1.71 -3.47 -18.36
CA THR B 238 -2.35 -3.50 -19.68
C THR B 238 -1.50 -4.26 -20.68
N LEU B 239 -0.18 -4.18 -20.56
CA LEU B 239 0.71 -4.91 -21.45
C LEU B 239 0.54 -6.42 -21.25
N LEU B 240 0.35 -6.86 -20.00
CA LEU B 240 0.10 -8.28 -19.77
C LEU B 240 -1.29 -8.69 -20.27
N VAL B 241 -2.31 -7.91 -19.96
CA VAL B 241 -3.67 -8.32 -20.30
C VAL B 241 -3.91 -8.23 -21.81
N LEU B 242 -3.04 -7.54 -22.54
CA LEU B 242 -3.14 -7.50 -23.99
C LEU B 242 -2.90 -8.85 -24.65
N THR B 243 -2.36 -9.84 -23.93
CA THR B 243 -2.09 -11.16 -24.48
C THR B 243 -3.21 -12.16 -24.23
N LEU B 244 -4.28 -11.77 -23.54
CA LEU B 244 -5.34 -12.71 -23.21
C LEU B 244 -6.04 -13.33 -24.42
N PRO B 245 -6.34 -12.61 -25.50
CA PRO B 245 -6.97 -13.27 -26.66
C PRO B 245 -6.14 -14.41 -27.24
N LEU B 246 -4.81 -14.33 -27.15
CA LEU B 246 -3.97 -15.44 -27.61
C LEU B 246 -4.25 -16.71 -26.82
N TRP B 247 -4.33 -16.58 -25.49
CA TRP B 247 -4.67 -17.74 -24.67
C TRP B 247 -6.12 -18.17 -24.85
N ALA B 248 -7.03 -17.24 -25.16
CA ALA B 248 -8.40 -17.60 -25.47
C ALA B 248 -8.46 -18.47 -26.72
N VAL B 249 -7.70 -18.11 -27.76
CA VAL B 249 -7.62 -18.94 -28.95
C VAL B 249 -6.97 -20.27 -28.63
N ASP B 250 -5.90 -20.26 -27.82
CA ASP B 250 -5.21 -21.49 -27.44
C ASP B 250 -6.09 -22.44 -26.62
N ALA B 251 -7.06 -21.90 -25.89
CA ALA B 251 -7.92 -22.76 -25.07
C ALA B 251 -8.82 -23.65 -25.91
N ALA B 252 -9.25 -23.19 -27.09
CA ALA B 252 -10.12 -23.96 -27.97
C ALA B 252 -9.34 -24.67 -29.08
N VAL B 253 -8.60 -23.92 -29.88
CA VAL B 253 -7.73 -24.48 -30.90
C VAL B 253 -6.31 -24.47 -30.34
N GLN B 254 -5.43 -25.26 -30.95
CA GLN B 254 -4.05 -25.35 -30.47
C GLN B 254 -3.32 -24.02 -30.62
N TRP B 255 -2.08 -23.95 -30.14
CA TRP B 255 -1.26 -22.74 -30.23
C TRP B 255 -0.73 -22.60 -31.65
N VAL B 256 -1.59 -22.11 -32.54
CA VAL B 256 -1.16 -21.77 -33.91
C VAL B 256 -0.78 -20.30 -33.89
N PHE B 257 0.43 -20.02 -33.40
CA PHE B 257 0.94 -18.65 -33.38
C PHE B 257 2.41 -18.53 -33.73
N GLY B 258 3.20 -19.61 -33.72
CA GLY B 258 4.62 -19.51 -33.95
C GLY B 258 5.44 -19.68 -32.69
N SER B 259 6.59 -19.02 -32.62
CA SER B 259 7.48 -19.10 -31.46
C SER B 259 7.80 -17.75 -30.86
N GLY B 260 7.94 -16.70 -31.67
CA GLY B 260 8.19 -15.38 -31.13
C GLY B 260 7.05 -14.89 -30.24
N LEU B 261 5.82 -15.18 -30.65
CA LEU B 261 4.67 -14.82 -29.82
C LEU B 261 4.71 -15.57 -28.49
N CYS B 262 5.12 -16.83 -28.51
CA CYS B 262 5.24 -17.60 -27.27
C CYS B 262 6.28 -16.99 -26.34
N LYS B 263 7.44 -16.65 -26.90
CA LYS B 263 8.50 -16.03 -26.10
C LYS B 263 8.03 -14.71 -25.51
N VAL B 264 7.34 -13.89 -26.32
CA VAL B 264 6.85 -12.60 -25.85
C VAL B 264 5.83 -12.79 -24.74
N ALA B 265 4.92 -13.76 -24.89
CA ALA B 265 3.89 -13.99 -23.88
C ALA B 265 4.50 -14.43 -22.55
N GLY B 266 5.45 -15.37 -22.59
CA GLY B 266 6.10 -15.80 -21.36
C GLY B 266 6.88 -14.68 -20.70
N ALA B 267 7.62 -13.90 -21.51
CA ALA B 267 8.37 -12.78 -20.97
C ALA B 267 7.44 -11.76 -20.33
N LEU B 268 6.30 -11.49 -20.95
CA LEU B 268 5.34 -10.54 -20.38
C LEU B 268 4.77 -11.05 -19.06
N PHE B 269 4.45 -12.35 -18.99
CA PHE B 269 3.93 -12.89 -17.75
C PHE B 269 4.94 -12.75 -16.62
N ASN B 270 6.22 -13.00 -16.90
CA ASN B 270 7.23 -12.87 -15.83
C ASN B 270 7.49 -11.40 -15.50
N ILE B 271 7.55 -10.54 -16.52
CA ILE B 271 7.84 -9.13 -16.33
C ILE B 271 6.76 -8.46 -15.50
N ASN B 272 5.50 -8.90 -15.64
CA ASN B 272 4.43 -8.31 -14.86
C ASN B 272 4.72 -8.39 -13.36
N PHE B 273 4.99 -9.59 -12.85
CA PHE B 273 5.20 -9.75 -11.42
C PHE B 273 6.61 -9.38 -10.99
N TYR B 274 7.56 -9.23 -11.91
CA TYR B 274 8.82 -8.60 -11.53
C TYR B 274 8.65 -7.11 -11.31
N ALA B 275 8.09 -6.42 -12.30
CA ALA B 275 7.95 -4.97 -12.25
C ALA B 275 7.01 -4.54 -11.14
N GLY B 276 5.91 -5.28 -10.93
CA GLY B 276 5.01 -4.91 -9.85
C GLY B 276 5.70 -4.90 -8.50
N ALA B 277 6.42 -5.97 -8.19
CA ALA B 277 7.10 -6.06 -6.90
C ALA B 277 8.17 -4.99 -6.77
N LEU B 278 8.98 -4.78 -7.81
CA LEU B 278 10.07 -3.82 -7.69
C LEU B 278 9.55 -2.38 -7.58
N LEU B 279 8.55 -2.02 -8.38
CA LEU B 279 7.99 -0.67 -8.30
C LEU B 279 7.27 -0.44 -6.99
N LEU B 280 6.58 -1.46 -6.47
CA LEU B 280 5.95 -1.32 -5.16
C LEU B 280 7.00 -1.13 -4.07
N ALA B 281 8.12 -1.85 -4.16
CA ALA B 281 9.20 -1.65 -3.19
C ALA B 281 9.76 -0.23 -3.28
N CYS B 282 9.92 0.30 -4.49
CA CYS B 282 10.41 1.66 -4.65
C CYS B 282 9.45 2.67 -4.02
N ILE B 283 8.15 2.52 -4.28
CA ILE B 283 7.18 3.45 -3.73
C ILE B 283 7.10 3.34 -2.21
N SER B 284 7.27 2.12 -1.68
CA SER B 284 7.26 1.95 -0.23
C SER B 284 8.48 2.60 0.40
N PHE B 285 9.64 2.49 -0.25
CA PHE B 285 10.83 3.16 0.28
C PHE B 285 10.66 4.68 0.24
N ASP B 286 10.06 5.20 -0.82
CA ASP B 286 9.79 6.63 -0.88
C ASP B 286 8.89 7.07 0.26
N ARG B 287 7.81 6.32 0.51
CA ARG B 287 6.91 6.65 1.61
C ARG B 287 7.62 6.56 2.95
N TYR B 288 8.47 5.54 3.13
CA TYR B 288 9.20 5.40 4.39
C TYR B 288 10.10 6.60 4.62
N LEU B 289 10.86 7.01 3.60
CA LEU B 289 11.73 8.16 3.76
C LEU B 289 10.93 9.41 4.08
N ASN B 290 9.82 9.63 3.37
CA ASN B 290 9.02 10.83 3.60
C ASN B 290 8.43 10.85 5.01
N ILE B 291 7.93 9.71 5.49
CA ILE B 291 7.31 9.67 6.82
C ILE B 291 8.35 9.82 7.91
N VAL B 292 9.46 9.09 7.80
CA VAL B 292 10.38 8.93 8.92
C VAL B 292 11.45 10.01 8.94
N HIS B 293 12.17 10.20 7.83
CA HIS B 293 13.31 11.10 7.82
C HIS B 293 12.96 12.51 7.36
N ALA B 294 11.69 12.76 7.01
CA ALA B 294 11.24 14.08 6.55
C ALA B 294 12.09 14.57 5.39
N THR B 295 12.47 13.65 4.50
CA THR B 295 13.26 13.97 3.33
C THR B 295 12.47 13.59 2.07
N GLN B 296 12.55 14.45 1.06
CA GLN B 296 11.80 14.29 -0.19
C GLN B 296 12.80 14.20 -1.33
N LEU B 297 12.85 13.03 -1.97
CA LEU B 297 13.77 12.83 -3.09
C LEU B 297 13.14 13.24 -4.41
N TYR B 298 11.90 12.81 -4.67
CA TYR B 298 11.26 13.02 -5.95
C TYR B 298 10.43 14.30 -6.00
N ARG B 299 10.39 15.08 -4.92
CA ARG B 299 9.61 16.31 -4.92
C ARG B 299 10.47 17.53 -5.30
N ARG B 300 11.51 17.80 -4.52
CA ARG B 300 12.39 18.92 -4.85
C ARG B 300 13.32 18.58 -6.02
N GLY B 301 13.61 17.30 -6.22
CA GLY B 301 14.46 16.88 -7.31
C GLY B 301 13.72 16.93 -8.64
N PRO B 302 14.47 16.79 -9.74
CA PRO B 302 13.83 16.83 -11.05
C PRO B 302 12.95 15.62 -11.26
N PRO B 303 11.94 15.72 -12.12
CA PRO B 303 11.18 14.51 -12.50
C PRO B 303 12.02 13.47 -13.18
N ALA B 304 13.18 13.86 -13.72
CA ALA B 304 14.11 12.89 -14.26
C ALA B 304 14.56 11.90 -13.19
N ARG B 305 14.54 12.29 -11.92
CA ARG B 305 14.96 11.39 -10.85
C ARG B 305 14.08 10.16 -10.77
N VAL B 306 12.76 10.33 -10.93
CA VAL B 306 11.86 9.18 -10.92
C VAL B 306 11.74 8.56 -12.32
N THR B 307 11.90 9.35 -13.38
CA THR B 307 11.89 8.79 -14.72
C THR B 307 13.02 7.78 -14.91
N LEU B 308 14.23 8.11 -14.44
CA LEU B 308 15.36 7.21 -14.63
C LEU B 308 15.29 6.00 -13.71
N THR B 309 14.69 6.12 -12.52
CA THR B 309 14.52 4.92 -11.72
C THR B 309 13.45 4.00 -12.31
N CYS B 310 12.43 4.57 -12.95
CA CYS B 310 11.47 3.73 -13.68
C CYS B 310 12.14 3.03 -14.85
N LEU B 311 12.99 3.75 -15.59
CA LEU B 311 13.73 3.11 -16.67
C LEU B 311 14.66 2.03 -16.15
N ALA B 312 15.30 2.28 -15.00
CA ALA B 312 16.22 1.30 -14.43
C ALA B 312 15.48 0.04 -14.01
N VAL B 313 14.30 0.17 -13.38
CA VAL B 313 13.56 -1.02 -12.99
C VAL B 313 13.04 -1.76 -14.23
N TRP B 314 12.65 -1.03 -15.27
CA TRP B 314 12.22 -1.69 -16.50
C TRP B 314 13.37 -2.52 -17.11
N GLY B 315 14.55 -1.93 -17.19
CA GLY B 315 15.70 -2.66 -17.72
C GLY B 315 16.09 -3.84 -16.85
N LEU B 316 16.05 -3.67 -15.54
CA LEU B 316 16.42 -4.75 -14.64
C LEU B 316 15.38 -5.86 -14.66
N CYS B 317 14.14 -5.56 -15.01
CA CYS B 317 13.14 -6.60 -15.21
C CYS B 317 13.32 -7.33 -16.53
N LEU B 318 13.71 -6.59 -17.58
CA LEU B 318 14.02 -7.24 -18.85
C LEU B 318 15.23 -8.16 -18.72
N LEU B 319 16.16 -7.83 -17.83
CA LEU B 319 17.39 -8.59 -17.68
C LEU B 319 17.19 -9.76 -16.71
N PHE B 320 15.95 -9.98 -16.30
CA PHE B 320 15.58 -11.17 -15.54
C PHE B 320 14.73 -12.08 -16.41
N ALA B 321 14.20 -11.53 -17.50
CA ALA B 321 13.38 -12.28 -18.44
C ALA B 321 14.12 -12.62 -19.73
N LEU B 322 15.36 -12.15 -19.89
CA LEU B 322 16.21 -12.60 -20.98
C LEU B 322 16.30 -14.13 -21.06
N PRO B 323 16.46 -14.86 -19.94
CA PRO B 323 16.42 -16.33 -20.03
C PRO B 323 15.12 -16.86 -20.60
N ASP B 324 14.00 -16.19 -20.36
CA ASP B 324 12.74 -16.60 -20.99
C ASP B 324 12.80 -16.41 -22.50
N PHE B 325 13.48 -15.35 -22.97
CA PHE B 325 13.67 -15.19 -24.40
C PHE B 325 14.55 -16.30 -24.97
N ILE B 326 15.58 -16.71 -24.23
CA ILE B 326 16.47 -17.76 -24.73
C ILE B 326 15.71 -19.07 -24.91
N PHE B 327 14.69 -19.30 -24.10
CA PHE B 327 13.94 -20.55 -24.09
C PHE B 327 12.48 -20.30 -24.45
N LEU B 328 11.60 -21.25 -24.16
CA LEU B 328 10.16 -21.15 -24.48
C LEU B 328 9.90 -21.16 -25.99
N SER B 329 10.23 -22.25 -26.65
CA SER B 329 9.81 -22.48 -28.02
C SER B 329 8.48 -23.24 -28.05
N ALA B 330 7.88 -23.29 -29.23
CA ALA B 330 6.63 -24.03 -29.44
C ALA B 330 6.97 -25.46 -29.83
N HIS B 331 6.42 -26.42 -29.09
CA HIS B 331 6.78 -27.83 -29.24
C HIS B 331 5.68 -28.58 -30.00
N HIS B 332 5.87 -29.89 -30.15
CA HIS B 332 4.80 -30.77 -30.63
C HIS B 332 5.10 -32.16 -30.08
N ASP B 333 4.42 -32.52 -29.00
CA ASP B 333 4.70 -33.77 -28.30
C ASP B 333 3.81 -34.89 -28.84
N GLU B 334 4.20 -36.12 -28.50
CA GLU B 334 3.40 -37.29 -28.84
C GLU B 334 2.27 -37.48 -27.83
N ARG B 335 1.20 -38.14 -28.27
CA ARG B 335 -0.03 -38.41 -27.54
C ARG B 335 -0.83 -37.14 -27.27
N LEU B 336 -0.31 -35.96 -27.61
CA LEU B 336 -1.03 -34.70 -27.49
C LEU B 336 -0.84 -33.96 -28.81
N ASN B 337 -1.80 -34.07 -29.72
CA ASN B 337 -1.69 -33.44 -31.03
C ASN B 337 -1.88 -31.94 -30.91
N ALA B 338 -0.90 -31.25 -30.34
CA ALA B 338 -1.01 -29.82 -30.10
C ALA B 338 0.39 -29.22 -30.02
N THR B 339 0.44 -27.89 -30.02
CA THR B 339 1.71 -27.16 -30.02
C THR B 339 1.84 -26.27 -28.80
N HIS B 340 1.58 -26.82 -27.62
CA HIS B 340 1.63 -26.05 -26.38
C HIS B 340 2.98 -25.36 -26.20
N CYS B 341 2.98 -24.34 -25.33
CA CYS B 341 4.19 -23.61 -24.98
C CYS B 341 4.81 -24.21 -23.73
N GLN B 342 6.10 -24.55 -23.82
CA GLN B 342 6.80 -25.19 -22.72
C GLN B 342 8.25 -24.69 -22.71
N TYR B 343 9.09 -25.35 -21.94
CA TYR B 343 10.50 -25.02 -21.84
C TYR B 343 11.35 -26.15 -22.40
N ASN B 344 12.54 -25.81 -22.90
CA ASN B 344 13.44 -26.77 -23.50
C ASN B 344 14.75 -26.98 -22.76
N PHE B 345 15.16 -26.02 -21.93
CA PHE B 345 16.48 -26.09 -21.31
C PHE B 345 16.52 -27.19 -20.26
N PRO B 346 17.71 -27.71 -19.95
CA PRO B 346 17.81 -28.89 -19.08
C PRO B 346 17.22 -28.65 -17.69
N GLN B 347 16.78 -29.74 -17.07
CA GLN B 347 16.14 -29.67 -15.75
C GLN B 347 17.08 -29.08 -14.70
N VAL B 348 18.38 -29.27 -14.86
CA VAL B 348 19.34 -28.71 -13.90
C VAL B 348 19.24 -27.20 -13.88
N GLY B 349 19.04 -26.57 -15.05
CA GLY B 349 18.87 -25.14 -15.10
C GLY B 349 17.52 -24.64 -14.65
N ARG B 350 16.50 -25.50 -14.67
CA ARG B 350 15.17 -25.08 -14.21
C ARG B 350 15.19 -24.76 -12.72
N THR B 351 15.88 -25.57 -11.92
CA THR B 351 15.97 -25.30 -10.49
C THR B 351 16.70 -23.99 -10.23
N ALA B 352 17.78 -23.72 -10.97
CA ALA B 352 18.54 -22.49 -10.76
C ALA B 352 17.71 -21.26 -11.12
N LEU B 353 17.02 -21.31 -12.27
CA LEU B 353 16.18 -20.19 -12.66
C LEU B 353 15.03 -19.98 -11.69
N ARG B 354 14.40 -21.07 -11.23
CA ARG B 354 13.32 -20.95 -10.27
C ARG B 354 13.81 -20.37 -8.94
N VAL B 355 14.99 -20.81 -8.48
CA VAL B 355 15.55 -20.25 -7.25
C VAL B 355 15.85 -18.78 -7.42
N LEU B 356 16.43 -18.39 -8.56
CA LEU B 356 16.70 -16.98 -8.80
C LEU B 356 15.42 -16.16 -8.75
N GLN B 357 14.41 -16.58 -9.52
CA GLN B 357 13.16 -15.83 -9.56
C GLN B 357 12.53 -15.72 -8.18
N LEU B 358 12.35 -16.86 -7.51
CA LEU B 358 11.75 -16.86 -6.19
C LEU B 358 12.53 -15.98 -5.22
N VAL B 359 13.81 -16.31 -5.00
CA VAL B 359 14.63 -15.59 -4.03
C VAL B 359 14.57 -14.10 -4.30
N ALA B 360 15.04 -13.66 -5.48
CA ALA B 360 15.09 -12.23 -5.73
C ALA B 360 13.70 -11.61 -5.62
N GLY B 361 12.81 -11.96 -6.57
CA GLY B 361 11.55 -11.26 -6.74
C GLY B 361 10.49 -11.55 -5.72
N PHE B 362 10.79 -12.36 -4.71
CA PHE B 362 9.90 -12.51 -3.56
C PHE B 362 10.55 -12.06 -2.28
N LEU B 363 11.74 -12.56 -1.95
CA LEU B 363 12.36 -12.23 -0.67
C LEU B 363 12.79 -10.78 -0.61
N LEU B 364 13.50 -10.28 -1.64
CA LEU B 364 14.05 -8.94 -1.50
C LEU B 364 12.98 -7.87 -1.38
N PRO B 365 11.97 -7.80 -2.26
CA PRO B 365 10.88 -6.84 -2.03
C PRO B 365 10.14 -7.08 -0.73
N LEU B 366 9.97 -8.34 -0.30
CA LEU B 366 9.28 -8.60 0.96
C LEU B 366 10.04 -8.03 2.14
N LEU B 367 11.36 -8.21 2.17
CA LEU B 367 12.16 -7.65 3.26
C LEU B 367 12.11 -6.13 3.26
N VAL B 368 12.22 -5.51 2.07
CA VAL B 368 12.13 -4.05 2.00
C VAL B 368 10.77 -3.58 2.49
N MET B 369 9.70 -4.26 2.06
CA MET B 369 8.35 -3.93 2.50
C MET B 369 8.24 -4.01 4.02
N ALA B 370 8.67 -5.12 4.61
CA ALA B 370 8.52 -5.32 6.03
C ALA B 370 9.24 -4.24 6.82
N TYR B 371 10.51 -3.97 6.45
CA TYR B 371 11.26 -2.95 7.17
C TYR B 371 10.60 -1.58 7.04
N CYS B 372 10.32 -1.15 5.80
CA CYS B 372 9.80 0.19 5.59
C CYS B 372 8.45 0.39 6.27
N TYR B 373 7.55 -0.58 6.15
CA TYR B 373 6.22 -0.40 6.69
C TYR B 373 6.18 -0.56 8.20
N ALA B 374 7.03 -1.42 8.78
CA ALA B 374 7.13 -1.46 10.23
C ALA B 374 7.60 -0.11 10.77
N HIS B 375 8.60 0.50 10.12
CA HIS B 375 9.05 1.81 10.58
C HIS B 375 7.99 2.90 10.36
N ILE B 376 7.27 2.86 9.24
CA ILE B 376 6.21 3.85 9.00
C ILE B 376 5.13 3.74 10.07
N LEU B 377 4.68 2.52 10.36
CA LEU B 377 3.67 2.35 11.41
C LEU B 377 4.18 2.80 12.77
N ALA B 378 5.42 2.47 13.11
CA ALA B 378 5.96 2.89 14.40
C ALA B 378 6.03 4.40 14.51
N ARG B 379 6.50 5.08 13.46
CA ARG B 379 6.65 6.53 13.48
C ARG B 379 5.38 7.28 13.14
N LEU B 380 4.30 6.57 12.81
CA LEU B 380 3.04 7.22 12.46
C LEU B 380 1.93 6.98 13.47
N LYS B 381 1.97 5.91 14.25
CA LYS B 381 0.94 5.69 15.25
C LYS B 381 1.15 6.53 16.51
N SER B 382 2.37 7.05 16.74
CA SER B 382 2.64 7.95 17.87
C SER B 382 3.41 9.17 17.36
N VAL B 383 2.69 10.14 16.81
CA VAL B 383 3.19 11.46 16.44
C VAL B 383 2.00 12.41 16.44
N ARG B 384 2.14 13.54 17.12
CA ARG B 384 1.00 14.46 17.20
C ARG B 384 0.68 15.08 15.85
N LEU B 385 1.71 15.42 15.06
CA LEU B 385 1.49 16.11 13.80
C LEU B 385 2.69 15.86 12.90
N LEU B 386 2.48 15.13 11.81
CA LEU B 386 3.54 14.94 10.83
C LEU B 386 3.83 16.24 10.09
N SER B 387 5.06 16.38 9.64
CA SER B 387 5.55 17.59 8.95
C SER B 387 5.42 18.76 9.93
N GLY B 388 4.86 19.89 9.53
CA GLY B 388 4.74 21.02 10.44
C GLY B 388 3.39 21.67 10.42
N SER B 389 2.45 21.10 9.67
CA SER B 389 1.09 21.63 9.57
C SER B 389 0.12 20.46 9.65
N ARG B 390 -1.15 20.75 9.37
CA ARG B 390 -2.23 19.78 9.51
C ARG B 390 -2.77 19.28 8.18
N GLU B 391 -2.93 20.18 7.19
CA GLU B 391 -3.41 19.76 5.88
C GLU B 391 -2.42 18.81 5.22
N LYS B 392 -1.13 19.12 5.27
CA LYS B 392 -0.13 18.21 4.74
C LYS B 392 -0.10 16.90 5.53
N ASP B 393 -0.37 16.97 6.84
CA ASP B 393 -0.45 15.75 7.65
C ASP B 393 -1.54 14.83 7.12
N ARG B 394 -2.75 15.35 6.95
CA ARG B 394 -3.84 14.49 6.48
C ARG B 394 -3.64 14.04 5.04
N ASN B 395 -3.04 14.88 4.20
CA ASN B 395 -2.74 14.46 2.83
C ASN B 395 -1.74 13.31 2.83
N LEU B 396 -0.71 13.39 3.66
CA LEU B 396 0.28 12.32 3.75
C LEU B 396 -0.35 11.03 4.27
N ARG B 397 -1.24 11.15 5.26
CA ARG B 397 -1.94 9.97 5.77
C ARG B 397 -2.79 9.31 4.68
N ARG B 398 -3.50 10.13 3.90
CA ARG B 398 -4.35 9.58 2.84
C ARG B 398 -3.53 8.88 1.76
N ILE B 399 -2.42 9.51 1.34
CA ILE B 399 -1.58 8.91 0.32
C ILE B 399 -0.99 7.60 0.82
N THR B 400 -0.55 7.58 2.08
CA THR B 400 0.00 6.34 2.64
C THR B 400 -1.07 5.25 2.70
N ARG B 401 -2.31 5.61 3.03
CA ARG B 401 -3.38 4.62 3.05
C ARG B 401 -3.63 4.03 1.67
N LEU B 402 -3.65 4.89 0.64
CA LEU B 402 -3.84 4.38 -0.72
C LEU B 402 -2.69 3.46 -1.12
N VAL B 403 -1.46 3.85 -0.82
CA VAL B 403 -0.31 3.04 -1.19
C VAL B 403 -0.36 1.68 -0.48
N VAL B 404 -0.71 1.68 0.81
CA VAL B 404 -0.70 0.42 1.56
C VAL B 404 -1.82 -0.49 1.08
N VAL B 405 -2.97 0.06 0.71
CA VAL B 405 -4.05 -0.82 0.22
C VAL B 405 -3.67 -1.41 -1.14
N VAL B 406 -3.00 -0.63 -2.00
CA VAL B 406 -2.53 -1.16 -3.27
C VAL B 406 -1.52 -2.29 -3.04
N VAL B 407 -0.57 -2.07 -2.11
CA VAL B 407 0.44 -3.08 -1.80
C VAL B 407 -0.21 -4.35 -1.28
N VAL B 408 -1.19 -4.20 -0.39
CA VAL B 408 -1.87 -5.36 0.18
C VAL B 408 -2.59 -6.15 -0.92
N ALA B 409 -3.27 -5.44 -1.83
CA ALA B 409 -3.95 -6.14 -2.92
C ALA B 409 -2.97 -6.91 -3.79
N PHE B 410 -1.86 -6.28 -4.16
CA PHE B 410 -0.86 -6.96 -4.99
C PHE B 410 -0.29 -8.18 -4.29
N ALA B 411 0.09 -8.03 -3.02
CA ALA B 411 0.66 -9.16 -2.29
C ALA B 411 -0.33 -10.31 -2.17
N LEU B 412 -1.58 -10.00 -1.83
CA LEU B 412 -2.59 -11.03 -1.68
C LEU B 412 -2.86 -11.75 -3.01
N CYS B 413 -2.79 -11.03 -4.13
CA CYS B 413 -3.04 -11.66 -5.42
C CYS B 413 -1.86 -12.49 -5.91
N TRP B 414 -0.63 -12.09 -5.60
CA TRP B 414 0.54 -12.73 -6.23
C TRP B 414 1.30 -13.70 -5.32
N THR B 415 1.03 -13.72 -4.01
CA THR B 415 1.75 -14.60 -3.10
C THR B 415 1.55 -16.10 -3.35
N PRO B 416 0.32 -16.58 -3.55
CA PRO B 416 0.12 -18.04 -3.69
C PRO B 416 0.90 -18.68 -4.83
N TYR B 417 1.07 -17.97 -5.95
CA TYR B 417 1.87 -18.53 -7.04
C TYR B 417 3.32 -18.74 -6.60
N HIS B 418 3.88 -17.79 -5.86
CA HIS B 418 5.24 -17.94 -5.38
C HIS B 418 5.34 -19.07 -4.36
N LEU B 419 4.31 -19.25 -3.53
CA LEU B 419 4.30 -20.41 -2.63
C LEU B 419 4.28 -21.72 -3.41
N VAL B 420 3.51 -21.79 -4.49
CA VAL B 420 3.46 -23.01 -5.29
C VAL B 420 4.81 -23.28 -5.95
N VAL B 421 5.45 -22.22 -6.46
CA VAL B 421 6.78 -22.37 -7.06
C VAL B 421 7.79 -22.82 -6.02
N LEU B 422 7.68 -22.30 -4.79
CA LEU B 422 8.54 -22.76 -3.69
C LEU B 422 8.33 -24.23 -3.41
N VAL B 423 7.07 -24.68 -3.40
CA VAL B 423 6.79 -26.10 -3.17
C VAL B 423 7.41 -26.95 -4.26
N ASP B 424 7.30 -26.50 -5.51
CA ASP B 424 7.92 -27.21 -6.63
C ASP B 424 9.43 -27.28 -6.47
N ILE B 425 10.05 -26.17 -6.06
CA ILE B 425 11.50 -26.15 -5.88
C ILE B 425 11.92 -27.15 -4.81
N LEU B 426 11.23 -27.16 -3.67
CA LEU B 426 11.57 -28.09 -2.61
C LEU B 426 11.35 -29.54 -3.03
N MET B 427 10.27 -29.84 -3.74
CA MET B 427 10.06 -31.21 -4.16
C MET B 427 11.04 -31.64 -5.24
N ASP B 428 11.61 -30.70 -5.99
CA ASP B 428 12.64 -31.06 -6.97
C ASP B 428 13.96 -31.39 -6.29
N LEU B 429 14.34 -30.63 -5.27
CA LEU B 429 15.62 -30.87 -4.60
C LEU B 429 15.63 -32.20 -3.86
N GLY B 430 14.57 -32.52 -3.14
CA GLY B 430 14.49 -33.78 -2.43
C GLY B 430 13.97 -33.66 -1.02
N ALA B 431 13.57 -32.45 -0.62
CA ALA B 431 13.03 -32.26 0.73
C ALA B 431 11.76 -33.05 0.93
N LEU B 432 10.87 -33.05 -0.06
CA LEU B 432 9.64 -33.83 -0.02
C LEU B 432 9.45 -34.57 -1.33
N ALA B 433 8.70 -35.67 -1.26
CA ALA B 433 8.68 -36.65 -2.33
C ALA B 433 8.01 -36.10 -3.60
N ARG B 434 8.31 -36.76 -4.72
CA ARG B 434 7.78 -36.40 -6.03
C ARG B 434 6.62 -37.30 -6.45
N ASN B 435 5.78 -37.71 -5.51
CA ASN B 435 4.68 -38.60 -5.82
C ASN B 435 3.71 -37.95 -6.80
N CYS B 436 3.14 -38.76 -7.70
CA CYS B 436 2.22 -38.24 -8.70
C CYS B 436 1.01 -37.57 -8.06
N GLY B 437 0.58 -38.05 -6.89
CA GLY B 437 -0.46 -37.38 -6.14
C GLY B 437 -0.06 -36.02 -5.60
N ARG B 438 1.24 -35.72 -5.59
CA ARG B 438 1.74 -34.40 -5.23
C ARG B 438 2.09 -33.55 -6.45
N GLU B 439 2.01 -34.12 -7.65
CA GLU B 439 2.25 -33.39 -8.89
C GLU B 439 0.95 -33.00 -9.59
N SER B 440 -0.02 -33.92 -9.64
CA SER B 440 -1.32 -33.59 -10.21
C SER B 440 -2.03 -32.50 -9.43
N ARG B 441 -1.65 -32.29 -8.17
CA ARG B 441 -2.21 -31.21 -7.37
C ARG B 441 -1.50 -29.90 -7.61
N VAL B 442 -0.16 -29.91 -7.66
CA VAL B 442 0.55 -28.66 -7.92
C VAL B 442 0.31 -28.17 -9.33
N ASP B 443 -0.05 -29.04 -10.27
CA ASP B 443 -0.41 -28.57 -11.61
C ASP B 443 -1.64 -27.66 -11.58
N VAL B 444 -2.73 -28.13 -10.96
CA VAL B 444 -3.94 -27.33 -10.88
C VAL B 444 -3.72 -26.13 -9.97
N ALA B 445 -2.87 -26.27 -8.95
CA ALA B 445 -2.53 -25.12 -8.10
C ALA B 445 -1.83 -24.04 -8.91
N LYS B 446 -0.89 -24.44 -9.78
CA LYS B 446 -0.23 -23.48 -10.65
C LYS B 446 -1.23 -22.80 -11.58
N SER B 447 -2.16 -23.58 -12.15
CA SER B 447 -3.17 -23.01 -13.03
C SER B 447 -4.00 -21.95 -12.31
N VAL B 448 -4.50 -22.29 -11.12
CA VAL B 448 -5.37 -21.37 -10.38
C VAL B 448 -4.60 -20.12 -9.93
N THR B 449 -3.37 -20.29 -9.45
CA THR B 449 -2.60 -19.16 -8.99
C THR B 449 -2.22 -18.23 -10.15
N SER B 450 -1.90 -18.80 -11.31
CA SER B 450 -1.66 -17.96 -12.48
C SER B 450 -2.93 -17.23 -12.90
N GLY B 451 -4.08 -17.88 -12.77
CA GLY B 451 -5.34 -17.19 -13.04
C GLY B 451 -5.56 -16.01 -12.11
N LEU B 452 -5.23 -16.18 -10.83
CA LEU B 452 -5.32 -15.07 -9.88
C LEU B 452 -4.38 -13.93 -10.26
N GLY B 453 -3.15 -14.28 -10.66
CA GLY B 453 -2.21 -13.27 -11.10
C GLY B 453 -2.70 -12.52 -12.32
N TYR B 454 -3.44 -13.20 -13.20
CA TYR B 454 -4.04 -12.51 -14.35
C TYR B 454 -5.21 -11.63 -13.93
N MET B 455 -6.01 -12.08 -12.96
CA MET B 455 -7.18 -11.30 -12.53
C MET B 455 -6.76 -10.04 -11.79
N HIS B 456 -5.61 -10.04 -11.14
CA HIS B 456 -5.15 -8.84 -10.44
C HIS B 456 -5.02 -7.65 -11.39
N CYS B 457 -4.63 -7.91 -12.65
CA CYS B 457 -4.42 -6.84 -13.62
C CYS B 457 -5.70 -6.08 -13.96
N CYS B 458 -6.87 -6.69 -13.78
CA CYS B 458 -8.14 -6.01 -13.94
C CYS B 458 -8.75 -5.61 -12.62
N LEU B 459 -8.32 -6.23 -11.51
CA LEU B 459 -8.78 -5.86 -10.18
C LEU B 459 -8.18 -4.54 -9.70
N ASN B 460 -7.00 -4.20 -10.20
CA ASN B 460 -6.32 -2.99 -9.72
C ASN B 460 -7.08 -1.69 -9.98
N PRO B 461 -7.57 -1.41 -11.20
CA PRO B 461 -8.15 -0.08 -11.45
C PRO B 461 -9.46 0.18 -10.73
N LEU B 462 -10.33 -0.82 -10.62
CA LEU B 462 -11.58 -0.61 -9.90
C LEU B 462 -11.32 -0.40 -8.41
N LEU B 463 -10.32 -1.10 -7.86
CA LEU B 463 -9.90 -0.84 -6.49
C LEU B 463 -9.36 0.57 -6.33
N TYR B 464 -8.60 1.04 -7.31
CA TYR B 464 -8.08 2.40 -7.27
C TYR B 464 -9.22 3.42 -7.30
N ALA B 465 -10.24 3.17 -8.11
CA ALA B 465 -11.34 4.13 -8.24
C ALA B 465 -12.24 4.12 -7.02
N PHE B 466 -12.55 2.94 -6.48
CA PHE B 466 -13.48 2.86 -5.34
C PHE B 466 -12.88 3.49 -4.10
N VAL B 467 -11.65 3.10 -3.73
CA VAL B 467 -11.00 3.67 -2.55
C VAL B 467 -10.66 5.13 -2.78
N GLY B 468 -10.03 5.41 -3.91
CA GLY B 468 -9.72 6.77 -4.29
C GLY B 468 -10.90 7.46 -4.95
N VAL B 469 -11.88 7.88 -4.15
CA VAL B 469 -13.07 8.53 -4.69
C VAL B 469 -12.69 9.79 -5.45
N LYS B 470 -11.64 10.49 -5.00
CA LYS B 470 -11.20 11.70 -5.70
C LYS B 470 -10.74 11.40 -7.13
N PHE B 471 -10.28 10.17 -7.38
CA PHE B 471 -9.85 9.81 -8.73
C PHE B 471 -11.01 9.86 -9.71
N ARG B 472 -12.17 9.34 -9.31
CA ARG B 472 -13.35 9.43 -10.17
C ARG B 472 -13.82 10.86 -10.32
N GLU B 473 -13.59 11.71 -9.31
CA GLU B 473 -13.99 13.10 -9.40
C GLU B 473 -13.24 13.82 -10.53
N ARG B 474 -11.94 13.56 -10.66
CA ARG B 474 -11.16 14.13 -11.75
C ARG B 474 -11.21 13.30 -13.02
N MET B 475 -11.85 12.13 -12.98
CA MET B 475 -12.06 11.32 -14.17
C MET B 475 -13.36 11.72 -14.88
N TRP B 476 -14.47 11.66 -14.16
CA TRP B 476 -15.76 12.09 -14.69
C TRP B 476 -16.63 12.71 -13.59
#